data_7ZL2
#
_entry.id   7ZL2
#
_cell.length_a   99.970
_cell.length_b   99.970
_cell.length_c   99.360
_cell.angle_alpha   90.00
_cell.angle_beta   90.00
_cell.angle_gamma   120.00
#
_symmetry.space_group_name_H-M   'H 3 2'
#
loop_
_entity.id
_entity.type
_entity.pdbx_description
1 polymer 'T-box transcription factor T'
2 non-polymer '(3S)-1-(3-aminocarbonylphenyl)carbonyl-2,3-dihydroindole-3-carboxylic acid'
3 water water
#
_entity_poly.entity_id   1
_entity_poly.type   'polypeptide(L)'
_entity_poly.pdbx_seq_one_letter_code
;GELRVGLEESELWLRFKELTNEMIVTKNGRRMFPVLKVNVSGLDPNAMYSFLLDFVAADNHRWKYVNGEWVPGGKPEPQA
PSCVYIHPDSPNFGAHWMKAPVSFSKVKLTNKLNGGGQIMLNSLHKYEPRIHIVRVGDPQRMITSHCFPETQFIAVTAYQ
NEEITALKIKYN
;
_entity_poly.pdbx_strand_id   A
#
loop_
_chem_comp.id
_chem_comp.type
_chem_comp.name
_chem_comp.formula
IXB non-polymer '(3S)-1-(3-aminocarbonylphenyl)carbonyl-2,3-dihydroindole-3-carboxylic acid' 'C17 H14 N2 O4'
#
# COMPACT_ATOMS: atom_id res chain seq x y z
N GLU A 2 -20.10 7.73 12.27
CA GLU A 2 -19.85 7.42 10.87
C GLU A 2 -18.44 6.90 10.67
N LEU A 3 -18.29 5.94 9.76
CA LEU A 3 -17.00 5.30 9.52
C LEU A 3 -16.01 6.31 8.96
N ARG A 4 -14.88 6.48 9.65
CA ARG A 4 -13.81 7.39 9.24
C ARG A 4 -12.49 6.65 9.30
N VAL A 5 -11.78 6.61 8.18
CA VAL A 5 -10.45 6.01 8.10
C VAL A 5 -9.48 7.11 7.69
N GLY A 6 -8.54 7.42 8.56
CA GLY A 6 -7.59 8.51 8.33
C GLY A 6 -6.17 7.99 8.24
N LEU A 7 -5.41 8.56 7.30
CA LEU A 7 -4.02 8.16 7.12
C LEU A 7 -3.16 8.71 8.24
N GLU A 8 -2.37 7.84 8.87
CA GLU A 8 -1.40 8.25 9.86
C GLU A 8 -0.12 8.73 9.19
N GLU A 9 0.54 9.70 9.83
CA GLU A 9 1.82 10.22 9.36
C GLU A 9 1.73 10.68 7.90
N SER A 10 0.66 11.41 7.59
CA SER A 10 0.47 11.89 6.22
C SER A 10 1.59 12.86 5.82
N GLU A 11 2.08 13.65 6.77
CA GLU A 11 3.18 14.57 6.48
C GLU A 11 4.39 13.82 5.95
N LEU A 12 4.71 12.66 6.55
CA LEU A 12 5.85 11.88 6.08
C LEU A 12 5.61 11.31 4.70
N TRP A 13 4.39 10.85 4.42
CA TRP A 13 4.07 10.34 3.09
C TRP A 13 4.18 11.42 2.04
N LEU A 14 3.74 12.64 2.35
CA LEU A 14 3.78 13.72 1.37
C LEU A 14 5.21 14.14 1.07
N ARG A 15 6.14 13.95 2.02
CA ARG A 15 7.55 14.21 1.73
C ARG A 15 8.07 13.28 0.64
N PHE A 16 7.68 12.01 0.70
CA PHE A 16 8.08 11.07 -0.35
C PHE A 16 7.34 11.33 -1.64
N LYS A 17 6.06 11.72 -1.57
CA LYS A 17 5.27 11.87 -2.78
C LYS A 17 5.73 13.05 -3.60
N GLU A 18 6.14 14.15 -2.95
CA GLU A 18 6.62 15.30 -3.71
C GLU A 18 7.90 15.00 -4.46
N LEU A 19 8.65 13.98 -4.03
CA LEU A 19 9.80 13.48 -4.77
C LEU A 19 9.44 12.35 -5.72
N THR A 20 8.15 12.00 -5.82
CA THR A 20 7.68 10.76 -6.43
C THR A 20 8.21 9.56 -5.65
N ASN A 21 7.34 8.90 -4.90
CA ASN A 21 7.74 7.83 -3.99
C ASN A 21 8.07 6.56 -4.76
N GLU A 22 9.00 5.79 -4.21
CA GLU A 22 9.46 4.53 -4.81
C GLU A 22 9.47 3.44 -3.73
N MET A 23 9.10 2.23 -4.12
CA MET A 23 9.14 1.07 -3.24
C MET A 23 9.90 -0.05 -3.94
N ILE A 24 10.85 -0.66 -3.23
CA ILE A 24 11.65 -1.74 -3.78
C ILE A 24 10.82 -3.02 -3.82
N VAL A 25 10.89 -3.73 -4.94
CA VAL A 25 10.34 -5.08 -5.07
C VAL A 25 11.50 -6.03 -5.33
N THR A 26 11.46 -7.20 -4.69
CA THR A 26 12.54 -8.17 -4.80
C THR A 26 11.96 -9.56 -5.03
N LYS A 27 12.87 -10.52 -5.25
CA LYS A 27 12.46 -11.89 -5.51
C LYS A 27 11.75 -12.50 -4.31
N ASN A 28 12.21 -12.19 -3.11
CA ASN A 28 11.64 -12.75 -1.88
C ASN A 28 10.70 -11.80 -1.16
N GLY A 29 10.53 -10.58 -1.68
CA GLY A 29 9.61 -9.64 -1.06
C GLY A 29 10.30 -8.66 -0.12
N ARG A 30 9.87 -7.39 -0.15
CA ARG A 30 10.46 -6.34 0.65
C ARG A 30 9.36 -5.54 1.33
N ARG A 31 9.58 -5.22 2.61
CA ARG A 31 8.63 -4.42 3.35
C ARG A 31 8.68 -2.97 2.89
N MET A 32 7.59 -2.25 3.14
CA MET A 32 7.45 -0.87 2.70
C MET A 32 8.01 0.10 3.73
N PHE A 33 8.56 1.21 3.24
CA PHE A 33 8.80 2.38 4.07
C PHE A 33 8.42 3.60 3.25
N PRO A 34 7.55 4.48 3.76
CA PRO A 34 6.91 4.35 5.07
C PRO A 34 5.91 3.20 5.16
N VAL A 35 5.56 2.81 6.38
CA VAL A 35 4.56 1.78 6.61
C VAL A 35 3.17 2.40 6.54
N LEU A 36 2.25 1.72 5.87
CA LEU A 36 0.88 2.20 5.79
C LEU A 36 0.18 1.99 7.13
N LYS A 37 -0.22 3.09 7.78
CA LYS A 37 -0.91 3.05 9.05
C LYS A 37 -2.13 3.96 8.98
N VAL A 38 -3.25 3.49 9.53
CA VAL A 38 -4.49 4.24 9.51
C VAL A 38 -5.14 4.20 10.88
N ASN A 39 -5.85 5.28 11.22
CA ASN A 39 -6.73 5.31 12.37
C ASN A 39 -8.17 5.14 11.90
N VAL A 40 -8.97 4.42 12.69
CA VAL A 40 -10.31 4.04 12.30
C VAL A 40 -11.29 4.47 13.40
N SER A 41 -12.40 5.08 12.99
CA SER A 41 -13.49 5.39 13.90
C SER A 41 -14.81 5.17 13.17
N GLY A 42 -15.86 4.95 13.93
CA GLY A 42 -17.18 4.73 13.36
C GLY A 42 -17.56 3.28 13.12
N LEU A 43 -16.68 2.34 13.44
CA LEU A 43 -17.05 0.97 13.37
C LEU A 43 -17.86 0.54 14.61
N ASP A 44 -18.51 -0.59 14.51
CA ASP A 44 -19.21 -1.12 15.64
C ASP A 44 -18.24 -1.85 16.55
N PRO A 45 -18.05 -1.30 17.75
CA PRO A 45 -17.05 -1.94 18.62
C PRO A 45 -17.39 -3.37 18.97
N ASN A 46 -18.67 -3.74 18.94
CA ASN A 46 -19.09 -5.09 19.28
C ASN A 46 -18.93 -6.06 18.12
N ALA A 47 -18.92 -5.58 16.89
CA ALA A 47 -18.85 -6.45 15.74
C ALA A 47 -17.40 -6.81 15.41
N MET A 48 -17.23 -7.86 14.62
CA MET A 48 -15.93 -8.32 14.19
C MET A 48 -15.70 -7.97 12.73
N TYR A 49 -14.49 -7.61 12.41
CA TYR A 49 -14.13 -7.27 11.07
C TYR A 49 -12.72 -7.74 10.66
N SER A 50 -12.51 -7.82 9.37
CA SER A 50 -11.20 -8.13 8.82
C SER A 50 -10.72 -6.94 7.99
N PHE A 51 -9.43 -6.65 8.07
CA PHE A 51 -8.82 -5.55 7.33
C PHE A 51 -7.98 -6.14 6.20
N LEU A 52 -8.29 -5.75 4.96
CA LEU A 52 -7.63 -6.26 3.78
C LEU A 52 -6.88 -5.13 3.08
N LEU A 53 -5.80 -5.48 2.38
CA LEU A 53 -4.97 -4.51 1.68
C LEU A 53 -4.63 -5.04 0.30
N ASP A 54 -4.83 -4.21 -0.72
CA ASP A 54 -4.39 -4.51 -2.08
C ASP A 54 -3.87 -3.22 -2.70
N PHE A 55 -3.32 -3.35 -3.92
CA PHE A 55 -2.66 -2.25 -4.59
C PHE A 55 -3.24 -2.10 -5.99
N VAL A 56 -3.66 -0.88 -6.32
CA VAL A 56 -4.36 -0.60 -7.57
C VAL A 56 -3.41 0.15 -8.50
N ALA A 57 -3.37 -0.27 -9.76
CA ALA A 57 -2.58 0.43 -10.76
C ALA A 57 -3.16 1.83 -11.01
N ALA A 58 -2.27 2.80 -11.19
CA ALA A 58 -2.66 4.19 -11.30
C ALA A 58 -2.77 4.68 -12.74
N ASP A 59 -2.00 4.11 -13.67
CA ASP A 59 -2.02 4.57 -15.05
C ASP A 59 -2.04 3.37 -15.99
N ASN A 60 -2.35 3.66 -17.26
CA ASN A 60 -2.27 2.67 -18.33
C ASN A 60 -0.96 2.81 -19.10
N HIS A 61 0.11 3.13 -18.38
CA HIS A 61 1.45 3.23 -18.95
C HIS A 61 2.44 3.06 -17.81
N ARG A 62 3.69 2.76 -18.17
CA ARG A 62 4.75 2.63 -17.19
C ARG A 62 5.59 3.90 -17.17
N TRP A 63 6.55 3.94 -16.26
CA TRP A 63 7.35 5.12 -16.02
C TRP A 63 8.82 4.83 -16.21
N LYS A 64 9.60 5.90 -16.41
N LYS A 64 9.61 5.88 -16.43
CA LYS A 64 11.04 5.80 -16.54
CA LYS A 64 11.05 5.77 -16.48
C LYS A 64 11.66 7.06 -15.94
C LYS A 64 11.67 7.05 -15.96
N TYR A 65 12.82 6.90 -15.31
CA TYR A 65 13.54 8.01 -14.70
C TYR A 65 14.57 8.52 -15.70
N VAL A 66 14.31 9.70 -16.27
CA VAL A 66 15.14 10.26 -17.33
C VAL A 66 15.53 11.68 -16.93
N ASN A 67 16.83 11.95 -16.90
CA ASN A 67 17.36 13.27 -16.56
C ASN A 67 16.82 13.74 -15.20
N GLY A 68 16.87 12.85 -14.22
CA GLY A 68 16.37 13.18 -12.89
C GLY A 68 14.90 13.52 -12.84
N GLU A 69 14.09 12.89 -13.69
CA GLU A 69 12.70 13.27 -13.85
C GLU A 69 11.90 12.04 -14.25
N TRP A 70 10.82 11.77 -13.52
CA TRP A 70 9.93 10.66 -13.86
C TRP A 70 9.05 11.07 -15.03
N VAL A 71 9.06 10.27 -16.09
CA VAL A 71 8.31 10.57 -17.30
C VAL A 71 7.62 9.28 -17.76
N PRO A 72 6.54 9.42 -18.52
CA PRO A 72 5.92 8.24 -19.13
C PRO A 72 6.94 7.43 -19.92
N GLY A 73 7.02 6.14 -19.64
CA GLY A 73 8.10 5.32 -20.14
C GLY A 73 7.70 4.16 -21.02
N GLY A 74 6.55 4.25 -21.67
CA GLY A 74 6.11 3.24 -22.61
C GLY A 74 4.79 2.62 -22.21
N LYS A 75 4.34 1.71 -23.06
CA LYS A 75 3.10 0.99 -22.80
C LYS A 75 3.29 0.05 -21.60
N PRO A 76 2.23 -0.19 -20.85
CA PRO A 76 2.36 -1.00 -19.64
C PRO A 76 2.43 -2.48 -19.95
N GLU A 77 2.92 -3.22 -18.97
CA GLU A 77 2.85 -4.67 -18.99
C GLU A 77 1.44 -5.10 -18.56
N PRO A 78 1.05 -6.33 -18.87
CA PRO A 78 -0.25 -6.83 -18.39
C PRO A 78 -0.37 -6.67 -16.87
N GLN A 79 -1.58 -6.34 -16.42
CA GLN A 79 -1.82 -6.04 -15.02
C GLN A 79 -1.34 -7.19 -14.13
N ALA A 80 -0.71 -6.84 -13.02
CA ALA A 80 -0.29 -7.84 -12.06
C ALA A 80 -1.50 -8.61 -11.53
N PRO A 81 -1.33 -9.87 -11.14
CA PRO A 81 -2.46 -10.63 -10.63
C PRO A 81 -3.00 -10.03 -9.34
N SER A 82 -4.28 -10.28 -9.08
CA SER A 82 -4.91 -9.78 -7.87
C SER A 82 -4.27 -10.39 -6.63
N CYS A 83 -3.63 -9.55 -5.82
CA CYS A 83 -3.01 -9.98 -4.58
C CYS A 83 -3.62 -9.19 -3.44
N VAL A 84 -4.17 -9.91 -2.45
CA VAL A 84 -4.81 -9.30 -1.29
C VAL A 84 -4.06 -9.72 -0.04
N TYR A 85 -3.66 -8.74 0.77
CA TYR A 85 -3.00 -8.99 2.03
C TYR A 85 -4.03 -8.87 3.15
N ILE A 86 -4.15 -9.91 3.96
CA ILE A 86 -5.04 -9.90 5.11
C ILE A 86 -4.23 -9.48 6.33
N HIS A 87 -4.68 -8.43 7.01
CA HIS A 87 -3.99 -7.98 8.21
C HIS A 87 -3.96 -9.11 9.22
N PRO A 88 -2.81 -9.41 9.82
CA PRO A 88 -2.70 -10.60 10.69
C PRO A 88 -3.59 -10.55 11.92
N ASP A 89 -4.11 -9.38 12.29
CA ASP A 89 -5.04 -9.29 13.41
C ASP A 89 -6.45 -9.73 13.06
N SER A 90 -6.71 -10.04 11.79
CA SER A 90 -8.05 -10.38 11.34
C SER A 90 -8.37 -11.84 11.67
N PRO A 91 -9.64 -12.15 12.03
CA PRO A 91 -10.69 -11.16 12.28
C PRO A 91 -10.66 -10.66 13.72
N ASN A 92 -11.17 -9.46 13.97
CA ASN A 92 -11.09 -8.89 15.31
C ASN A 92 -12.22 -7.90 15.52
N PHE A 93 -12.47 -7.60 16.79
CA PHE A 93 -13.54 -6.67 17.15
C PHE A 93 -13.26 -5.27 16.61
N GLY A 94 -14.34 -4.52 16.37
CA GLY A 94 -14.18 -3.11 16.03
C GLY A 94 -13.44 -2.33 17.10
N ALA A 95 -13.62 -2.73 18.37
CA ALA A 95 -12.88 -2.09 19.45
C ALA A 95 -11.39 -2.30 19.32
N HIS A 96 -10.97 -3.45 18.79
CA HIS A 96 -9.54 -3.69 18.57
C HIS A 96 -9.00 -2.77 17.50
N TRP A 97 -9.69 -2.66 16.36
CA TRP A 97 -9.21 -1.84 15.27
C TRP A 97 -9.23 -0.35 15.60
N MET A 98 -10.06 0.07 16.56
CA MET A 98 -10.24 1.48 16.86
C MET A 98 -9.43 1.96 18.06
N LYS A 99 -8.82 1.07 18.83
CA LYS A 99 -8.09 1.49 20.02
C LYS A 99 -6.69 1.97 19.70
N ALA A 100 -6.12 1.57 18.57
CA ALA A 100 -4.78 1.98 18.17
C ALA A 100 -4.70 1.95 16.65
N PRO A 101 -3.83 2.75 16.04
CA PRO A 101 -3.73 2.74 14.58
C PRO A 101 -3.42 1.35 14.04
N VAL A 102 -3.99 1.06 12.87
CA VAL A 102 -3.80 -0.23 12.20
C VAL A 102 -2.62 -0.11 11.26
N SER A 103 -1.57 -0.89 11.54
N SER A 103 -1.57 -0.89 11.54
CA SER A 103 -0.32 -0.82 10.79
CA SER A 103 -0.32 -0.82 10.78
C SER A 103 -0.18 -2.07 9.92
C SER A 103 -0.17 -2.06 9.92
N PHE A 104 0.19 -1.86 8.67
CA PHE A 104 0.47 -2.96 7.73
C PHE A 104 1.98 -3.14 7.56
N SER A 105 2.67 -3.31 8.68
CA SER A 105 4.14 -3.29 8.68
C SER A 105 4.75 -4.55 8.11
N LYS A 106 4.00 -5.66 8.07
CA LYS A 106 4.57 -6.95 7.68
C LYS A 106 4.31 -7.31 6.22
N VAL A 107 3.58 -6.48 5.48
CA VAL A 107 3.33 -6.77 4.07
C VAL A 107 4.62 -6.60 3.27
N LYS A 108 4.80 -7.46 2.27
CA LYS A 108 5.99 -7.46 1.44
C LYS A 108 5.60 -7.32 -0.03
N LEU A 109 6.36 -6.51 -0.76
CA LEU A 109 6.17 -6.29 -2.18
C LEU A 109 7.23 -7.06 -2.96
N THR A 110 6.81 -7.76 -4.00
CA THR A 110 7.70 -8.61 -4.77
C THR A 110 7.39 -8.50 -6.26
N ASN A 111 8.34 -8.95 -7.07
CA ASN A 111 8.15 -9.05 -8.52
C ASN A 111 8.06 -10.51 -8.98
N LYS A 112 7.82 -11.43 -8.05
CA LYS A 112 7.65 -12.84 -8.38
C LYS A 112 6.42 -13.37 -7.68
N LEU A 113 5.77 -14.36 -8.28
CA LEU A 113 4.60 -14.98 -7.68
C LEU A 113 5.00 -16.11 -6.75
N ASN A 114 6.12 -15.92 -6.04
CA ASN A 114 6.72 -16.98 -5.21
C ASN A 114 6.00 -17.16 -3.88
N GLY A 115 4.69 -16.98 -3.85
CA GLY A 115 3.87 -17.23 -2.69
C GLY A 115 4.28 -16.39 -1.48
N GLY A 116 3.94 -16.91 -0.31
CA GLY A 116 4.23 -16.23 0.93
C GLY A 116 3.27 -15.12 1.29
N GLY A 117 2.11 -15.05 0.65
CA GLY A 117 1.16 -14.00 0.93
C GLY A 117 1.63 -12.62 0.55
N GLN A 118 2.57 -12.52 -0.37
CA GLN A 118 3.15 -11.23 -0.76
C GLN A 118 2.33 -10.60 -1.88
N ILE A 119 2.68 -9.36 -2.21
CA ILE A 119 1.98 -8.58 -3.22
C ILE A 119 2.83 -8.54 -4.48
N MET A 120 2.26 -9.04 -5.59
CA MET A 120 2.95 -9.05 -6.87
C MET A 120 2.77 -7.70 -7.56
N LEU A 121 3.88 -7.04 -7.87
CA LEU A 121 3.86 -5.75 -8.54
C LEU A 121 4.80 -5.78 -9.74
N ASN A 122 4.46 -4.99 -10.75
CA ASN A 122 5.31 -4.83 -11.93
C ASN A 122 6.23 -3.64 -11.74
N SER A 123 7.52 -3.84 -11.99
CA SER A 123 8.49 -2.77 -11.83
C SER A 123 8.20 -1.63 -12.81
N LEU A 124 8.52 -0.41 -12.38
CA LEU A 124 8.32 0.82 -13.14
C LEU A 124 6.85 1.13 -13.40
N HIS A 125 5.94 0.55 -12.61
CA HIS A 125 4.53 0.88 -12.66
C HIS A 125 4.11 1.53 -11.35
N LYS A 126 3.15 2.45 -11.43
CA LYS A 126 2.68 3.20 -10.28
C LYS A 126 1.47 2.53 -9.65
N TYR A 127 1.45 2.46 -8.33
CA TYR A 127 0.39 1.82 -7.58
C TYR A 127 -0.07 2.70 -6.44
N GLU A 128 -1.29 2.43 -5.98
CA GLU A 128 -1.92 3.18 -4.89
C GLU A 128 -2.52 2.19 -3.90
N PRO A 129 -2.04 2.13 -2.67
CA PRO A 129 -2.61 1.21 -1.69
C PRO A 129 -4.09 1.48 -1.43
N ARG A 130 -4.83 0.42 -1.16
CA ARG A 130 -6.26 0.51 -0.89
C ARG A 130 -6.60 -0.47 0.23
N ILE A 131 -7.39 -0.01 1.19
CA ILE A 131 -7.76 -0.82 2.36
C ILE A 131 -9.23 -1.16 2.27
N HIS A 132 -9.56 -2.42 2.55
CA HIS A 132 -10.93 -2.90 2.57
C HIS A 132 -11.27 -3.41 3.96
N ILE A 133 -12.49 -3.08 4.40
CA ILE A 133 -12.98 -3.53 5.67
C ILE A 133 -14.13 -4.46 5.44
N VAL A 134 -14.01 -5.62 6.00
CA VAL A 134 -15.00 -6.66 5.86
C VAL A 134 -15.55 -7.15 7.21
N ARG A 135 -16.86 -7.11 7.36
CA ARG A 135 -17.50 -7.60 8.57
C ARG A 135 -17.72 -9.08 8.56
N VAL A 136 -17.41 -9.74 9.66
CA VAL A 136 -17.65 -11.14 9.71
C VAL A 136 -19.11 -11.47 9.92
N GLY A 137 -19.58 -12.46 9.19
CA GLY A 137 -20.94 -12.92 9.34
C GLY A 137 -22.02 -12.16 8.63
N ASP A 138 -21.66 -11.18 7.81
CA ASP A 138 -22.63 -10.38 7.09
C ASP A 138 -23.18 -11.08 5.83
N PRO A 139 -24.47 -11.40 5.84
CA PRO A 139 -25.07 -12.03 4.67
C PRO A 139 -25.02 -11.06 3.44
N GLN A 140 -24.97 -9.75 3.65
CA GLN A 140 -24.85 -8.78 2.56
C GLN A 140 -23.41 -8.61 2.21
N ARG A 141 -22.56 -9.23 2.99
CA ARG A 141 -21.14 -9.16 2.70
C ARG A 141 -20.68 -7.72 2.37
N MET A 142 -21.16 -6.76 3.15
CA MET A 142 -20.81 -5.38 2.90
C MET A 142 -19.36 -5.19 3.05
N ILE A 143 -18.78 -4.50 2.10
CA ILE A 143 -17.41 -4.16 2.19
C ILE A 143 -17.19 -2.66 1.94
N THR A 144 -16.29 -2.08 2.68
CA THR A 144 -15.92 -0.70 2.51
C THR A 144 -14.50 -0.55 1.93
N SER A 145 -14.30 0.26 0.91
CA SER A 145 -13.01 0.47 0.30
C SER A 145 -12.52 1.89 0.57
N HIS A 146 -11.22 2.03 0.82
CA HIS A 146 -10.64 3.31 1.18
C HIS A 146 -9.32 3.48 0.44
N CYS A 147 -9.20 4.56 -0.34
CA CYS A 147 -8.01 4.84 -1.11
C CYS A 147 -7.18 5.92 -0.42
N PHE A 148 -5.87 5.91 -0.69
CA PHE A 148 -4.94 6.84 -0.06
C PHE A 148 -3.99 7.38 -1.12
N PRO A 149 -4.38 8.45 -1.81
CA PRO A 149 -3.51 8.99 -2.87
C PRO A 149 -2.19 9.55 -2.36
N GLU A 150 -2.07 9.86 -1.06
CA GLU A 150 -0.81 10.33 -0.53
C GLU A 150 0.25 9.23 -0.48
N THR A 151 -0.16 7.97 -0.62
CA THR A 151 0.74 6.84 -0.50
C THR A 151 1.12 6.24 -1.85
N GLN A 152 0.81 6.92 -2.95
CA GLN A 152 1.16 6.41 -4.26
C GLN A 152 2.68 6.29 -4.40
N PHE A 153 3.10 5.29 -5.16
CA PHE A 153 4.52 5.03 -5.37
C PHE A 153 4.71 4.29 -6.69
N ILE A 154 5.94 4.29 -7.16
CA ILE A 154 6.34 3.51 -8.33
C ILE A 154 7.17 2.33 -7.85
N ALA A 155 6.80 1.13 -8.30
CA ALA A 155 7.56 -0.06 -7.96
C ALA A 155 8.86 -0.08 -8.74
N VAL A 156 9.96 -0.36 -8.06
CA VAL A 156 11.28 -0.39 -8.68
C VAL A 156 12.05 -1.59 -8.14
N THR A 157 12.99 -2.09 -8.95
CA THR A 157 13.96 -3.06 -8.46
C THR A 157 15.14 -2.39 -7.79
N ALA A 158 15.34 -1.10 -8.04
CA ALA A 158 16.37 -0.31 -7.39
C ALA A 158 15.94 1.15 -7.44
N TYR A 159 16.33 1.90 -6.43
CA TYR A 159 15.94 3.31 -6.35
C TYR A 159 16.55 4.10 -7.51
N GLN A 160 15.71 4.89 -8.17
CA GLN A 160 16.14 5.74 -9.28
C GLN A 160 16.52 7.14 -8.82
N ASN A 161 15.75 7.71 -7.91
CA ASN A 161 15.98 9.06 -7.41
C ASN A 161 16.89 8.97 -6.18
N GLU A 162 18.05 9.62 -6.25
CA GLU A 162 18.96 9.60 -5.10
C GLU A 162 18.37 10.34 -3.91
N GLU A 163 17.47 11.31 -4.16
CA GLU A 163 16.77 11.95 -3.04
C GLU A 163 15.88 10.97 -2.31
N ILE A 164 15.26 10.04 -3.05
CA ILE A 164 14.44 9.01 -2.40
C ILE A 164 15.31 8.09 -1.58
N THR A 165 16.47 7.69 -2.12
CA THR A 165 17.39 6.84 -1.37
C THR A 165 17.82 7.51 -0.07
N ALA A 166 18.12 8.82 -0.12
CA ALA A 166 18.52 9.52 1.08
C ALA A 166 17.35 9.72 2.02
N LEU A 167 16.16 9.96 1.47
CA LEU A 167 14.97 10.13 2.31
C LEU A 167 14.68 8.86 3.11
N LYS A 168 14.78 7.70 2.47
CA LYS A 168 14.54 6.44 3.18
C LYS A 168 15.52 6.26 4.31
N ILE A 169 16.80 6.58 4.08
CA ILE A 169 17.80 6.46 5.13
C ILE A 169 17.53 7.48 6.23
N LYS A 170 17.08 8.68 5.87
CA LYS A 170 16.92 9.75 6.85
C LYS A 170 15.81 9.43 7.85
N TYR A 171 14.64 9.05 7.36
CA TYR A 171 13.48 8.83 8.22
C TYR A 171 13.30 7.39 8.66
N ASN A 172 14.11 6.47 8.16
CA ASN A 172 14.05 5.07 8.61
C ASN A 172 15.37 4.64 9.22
C1 IXB B . -26.53 -3.72 6.04
C10 IXB B . -20.79 -1.82 8.92
C11 IXB B . -20.35 -1.96 10.36
C12 IXB B . -19.65 -2.30 8.05
C13 IXB B . -18.40 -1.74 7.84
C14 IXB B . -17.51 -2.39 7.00
C15 IXB B . -17.87 -3.57 6.38
C16 IXB B . -19.11 -4.14 6.58
C17 IXB B . -19.99 -3.48 7.42
C2 IXB B . -25.61 -4.55 6.90
C3 IXB B . -26.14 -5.47 7.80
C4 IXB B . -25.29 -6.23 8.59
C5 IXB B . -23.93 -6.08 8.48
C6 IXB B . -23.38 -5.17 7.60
C7 IXB B . -24.23 -4.41 6.80
C8 IXB B . -21.90 -5.05 7.51
C9 IXB B . -21.96 -2.76 8.57
N1 IXB B . -27.78 -4.12 5.91
N2 IXB B . -21.31 -3.84 7.80
O1 IXB B . -26.12 -2.70 5.50
O2 IXB B . -21.23 -6.01 7.19
O3 IXB B . -19.84 -1.04 10.89
O4 IXB B . -20.54 -2.99 10.91
#